data_7T1U
#
_entry.id   7T1U
#
_cell.length_a   34.870
_cell.length_b   35.890
_cell.length_c   53.980
_cell.angle_alpha   75.850
_cell.angle_beta   74.770
_cell.angle_gamma   61.420
#
_symmetry.space_group_name_H-M   'P 1'
#
loop_
_entity.id
_entity.type
_entity.pdbx_description
1 polymer 'Proto-oncogene tyrosine-protein kinase Src'
2 polymer 'Synthetic phosphopeptide'
3 non-polymer 'ZINC ION'
4 water water
#
loop_
_entity_poly.entity_id
_entity_poly.type
_entity_poly.pdbx_seq_one_letter_code
_entity_poly.pdbx_strand_id
1 'polypeptide(L)'
;GGAPWQAEEWYFGKITRRESERLLLNAENPRGTFLVREGQSQPDYVLSVSDFDNAKGLNVKHYIIRKLDSGGFYITSRTQ
FNSLQQLVAYYSKHADGLCHRLTTVCPTSRA
;
A,B
2 'polypeptide(L)' EPQ(PTR)EEI D,E
#
loop_
_chem_comp.id
_chem_comp.type
_chem_comp.name
_chem_comp.formula
ZN non-polymer 'ZINC ION' 'Zn 2'
#
# COMPACT_ATOMS: atom_id res chain seq x y z
N ALA A 3 -12.91 1.22 13.38
CA ALA A 3 -12.16 1.79 12.28
C ALA A 3 -10.93 0.95 11.94
N PRO A 4 -10.64 0.81 10.65
CA PRO A 4 -9.53 -0.06 10.23
C PRO A 4 -8.19 0.51 10.69
N TRP A 5 -7.20 -0.40 10.79
CA TRP A 5 -5.87 0.01 11.23
C TRP A 5 -5.18 0.94 10.24
N GLN A 6 -5.63 0.98 8.98
CA GLN A 6 -5.01 1.85 7.99
C GLN A 6 -5.43 3.33 8.12
N ALA A 7 -6.50 3.61 8.86
CA ALA A 7 -6.95 4.98 9.11
C ALA A 7 -6.12 5.68 10.19
N GLU A 8 -5.22 4.97 10.82
CA GLU A 8 -4.47 5.45 11.96
C GLU A 8 -3.37 6.43 11.53
N GLU A 9 -3.11 7.44 12.35
CA GLU A 9 -2.20 8.54 11.93
C GLU A 9 -0.73 8.13 11.84
N TRP A 10 -0.37 6.95 12.35
CA TRP A 10 1.01 6.48 12.22
C TRP A 10 1.21 5.60 10.98
N TYR A 11 0.16 5.28 10.24
CA TYR A 11 0.28 4.54 8.99
C TYR A 11 0.35 5.53 7.84
N PHE A 12 1.49 5.55 7.15
CA PHE A 12 1.73 6.50 6.07
C PHE A 12 1.62 5.85 4.70
N GLY A 13 1.29 4.58 4.64
CA GLY A 13 1.03 3.93 3.36
C GLY A 13 2.27 3.93 2.51
N LYS A 14 2.07 4.14 1.20
CA LYS A 14 3.17 4.05 0.25
C LYS A 14 3.92 5.37 0.22
N ILE A 15 5.03 5.41 0.94
CA ILE A 15 5.98 6.50 0.92
C ILE A 15 7.37 5.89 0.74
N THR A 16 8.28 6.68 0.17
CA THR A 16 9.64 6.23 -0.07
C THR A 16 10.40 6.09 1.25
N ARG A 17 11.58 5.47 1.15
CA ARG A 17 12.49 5.45 2.29
C ARG A 17 13.03 6.84 2.60
N ARG A 18 13.16 7.70 1.58
CA ARG A 18 13.66 9.06 1.81
C ARG A 18 12.60 9.94 2.47
N GLU A 19 11.37 9.88 1.96
CA GLU A 19 10.28 10.63 2.56
C GLU A 19 10.04 10.23 4.01
N SER A 20 10.03 8.93 4.28
CA SER A 20 10.02 8.46 5.66
C SER A 20 11.08 9.18 6.48
N GLU A 21 12.34 9.03 6.06
CA GLU A 21 13.44 9.58 6.83
C GLU A 21 13.37 11.10 6.89
N ARG A 22 12.93 11.77 5.82
CA ARG A 22 12.84 13.22 5.96
C ARG A 22 11.73 13.58 6.97
N LEU A 23 10.58 12.90 6.93
CA LEU A 23 9.50 13.21 7.88
C LEU A 23 9.89 12.92 9.32
N LEU A 24 10.70 11.89 9.53
CA LEU A 24 11.06 11.48 10.87
C LEU A 24 12.24 12.28 11.42
N LEU A 25 13.12 12.75 10.55
CA LEU A 25 14.31 13.45 11.01
C LEU A 25 14.05 14.91 11.26
N ASN A 26 12.81 15.30 11.57
CA ASN A 26 12.56 16.65 12.03
C ASN A 26 13.15 16.84 13.42
N ALA A 27 13.81 17.98 13.63
CA ALA A 27 14.45 18.21 14.92
C ALA A 27 13.43 18.38 16.04
N GLU A 28 12.15 18.56 15.72
CA GLU A 28 11.10 18.76 16.72
C GLU A 28 10.51 17.46 17.24
N ASN A 29 10.99 16.30 16.78
CA ASN A 29 10.46 15.01 17.18
C ASN A 29 11.30 14.34 18.27
N PRO A 30 10.65 13.78 19.27
CA PRO A 30 11.36 13.13 20.38
C PRO A 30 11.93 11.79 19.92
N ARG A 31 12.76 11.20 20.81
CA ARG A 31 13.14 9.81 20.64
C ARG A 31 11.89 8.95 20.57
N GLY A 32 11.91 7.92 19.74
CA GLY A 32 10.79 7.03 19.63
C GLY A 32 9.71 7.49 18.69
N THR A 33 9.99 8.43 17.80
CA THR A 33 9.02 8.80 16.79
C THR A 33 9.11 7.78 15.65
N PHE A 34 7.94 7.39 15.17
CA PHE A 34 7.86 6.22 14.32
C PHE A 34 6.73 6.39 13.31
N LEU A 35 6.75 5.52 12.31
CA LEU A 35 5.67 5.41 11.35
C LEU A 35 5.75 4.01 10.76
N VAL A 36 4.61 3.54 10.26
CA VAL A 36 4.53 2.27 9.56
C VAL A 36 4.24 2.62 8.10
N ARG A 37 5.03 2.06 7.19
CA ARG A 37 4.91 2.38 5.79
C ARG A 37 4.89 1.10 4.96
N GLU A 38 4.61 1.26 3.68
CA GLU A 38 4.75 0.17 2.73
C GLU A 38 6.21 0.06 2.35
N GLY A 39 6.63 -1.15 1.98
CA GLY A 39 7.99 -1.36 1.54
C GLY A 39 8.24 -0.71 0.19
N GLN A 40 9.51 -0.39 -0.07
CA GLN A 40 9.93 0.12 -1.37
C GLN A 40 10.89 -0.82 -2.07
N SER A 41 12.03 -1.12 -1.43
CA SER A 41 12.94 -2.16 -1.89
C SER A 41 12.28 -3.54 -1.93
N GLN A 42 11.70 -3.94 -0.79
CA GLN A 42 11.14 -5.26 -0.50
C GLN A 42 9.64 -5.15 -0.22
N PRO A 43 8.90 -6.29 -0.25
CA PRO A 43 7.44 -6.19 -0.21
C PRO A 43 6.82 -5.93 1.16
N ASP A 44 7.42 -6.45 2.22
CA ASP A 44 6.75 -6.40 3.51
C ASP A 44 6.72 -4.99 4.08
N TYR A 45 5.82 -4.78 5.04
CA TYR A 45 5.72 -3.49 5.70
C TYR A 45 6.99 -3.18 6.49
N VAL A 46 7.18 -1.90 6.77
CA VAL A 46 8.39 -1.39 7.38
C VAL A 46 8.01 -0.53 8.58
N LEU A 47 8.65 -0.76 9.71
CA LEU A 47 8.54 0.11 10.88
C LEU A 47 9.77 1.01 10.87
N SER A 48 9.54 2.31 10.69
CA SER A 48 10.61 3.29 10.58
C SER A 48 10.63 4.14 11.85
N VAL A 49 11.73 4.06 12.61
CA VAL A 49 11.83 4.74 13.91
C VAL A 49 13.03 5.68 13.94
N SER A 50 12.85 6.80 14.61
CA SER A 50 13.95 7.73 14.81
C SER A 50 14.73 7.32 16.07
N ASP A 51 16.05 7.40 15.98
CA ASP A 51 16.92 6.87 17.01
C ASP A 51 18.08 7.83 17.21
N PHE A 52 18.33 8.18 18.47
CA PHE A 52 19.46 9.02 18.83
C PHE A 52 20.54 8.13 19.45
N ASP A 53 21.63 7.93 18.72
CA ASP A 53 22.77 7.16 19.19
C ASP A 53 23.86 8.12 19.67
N ASN A 54 24.32 7.95 20.91
CA ASN A 54 25.22 8.93 21.50
C ASN A 54 26.56 9.00 20.78
N ALA A 55 26.96 7.94 20.09
CA ALA A 55 28.25 7.91 19.39
C ALA A 55 28.10 8.07 17.89
N LYS A 56 26.89 8.37 17.41
CA LYS A 56 26.63 8.54 15.98
C LYS A 56 25.78 9.77 15.76
N GLY A 57 24.76 9.98 16.59
CA GLY A 57 23.85 11.07 16.36
C GLY A 57 22.39 10.66 16.27
N LEU A 58 21.63 11.41 15.50
CA LEU A 58 20.22 11.14 15.25
C LEU A 58 20.11 10.39 13.93
N ASN A 59 19.50 9.21 13.96
CA ASN A 59 19.38 8.40 12.75
C ASN A 59 17.99 7.81 12.67
N VAL A 60 17.72 7.14 11.55
CA VAL A 60 16.48 6.41 11.34
C VAL A 60 16.81 4.94 11.18
N LYS A 61 16.17 4.09 11.99
CA LYS A 61 16.24 2.64 11.78
C LYS A 61 14.98 2.14 11.07
N HIS A 62 15.17 1.09 10.27
CA HIS A 62 14.07 0.48 9.54
C HIS A 62 13.97 -0.98 9.94
N TYR A 63 12.78 -1.39 10.38
CA TYR A 63 12.52 -2.76 10.79
C TYR A 63 11.44 -3.33 9.89
N ILE A 64 11.71 -4.50 9.32
CA ILE A 64 10.79 -5.15 8.38
C ILE A 64 9.73 -5.92 9.17
N ILE A 65 8.47 -5.61 8.91
CA ILE A 65 7.35 -6.29 9.55
C ILE A 65 6.93 -7.41 8.60
N ARG A 66 7.39 -8.63 8.91
CA ARG A 66 7.10 -9.77 8.06
C ARG A 66 5.70 -10.32 8.33
N LYS A 67 5.04 -10.77 7.27
CA LYS A 67 3.67 -11.25 7.37
C LYS A 67 3.70 -12.75 7.59
N LEU A 68 3.27 -13.17 8.77
CA LEU A 68 3.11 -14.59 9.07
C LEU A 68 2.03 -15.20 8.20
N ASP A 69 2.37 -16.30 7.51
CA ASP A 69 1.40 -16.98 6.65
C ASP A 69 0.19 -17.47 7.44
N SER A 70 0.42 -17.94 8.66
CA SER A 70 -0.64 -18.23 9.62
C SER A 70 -1.63 -17.06 9.73
N GLY A 72 -0.66 -12.82 11.15
CA GLY A 72 0.43 -12.67 12.10
C GLY A 72 1.57 -11.80 11.58
N PHE A 73 2.09 -11.01 12.49
CA PHE A 73 3.13 -10.06 12.17
C PHE A 73 4.23 -10.13 13.22
N TYR A 74 5.44 -9.81 12.78
CA TYR A 74 6.59 -9.83 13.66
C TYR A 74 7.76 -9.14 12.99
N ILE A 75 8.64 -8.60 13.81
CA ILE A 75 9.92 -8.10 13.37
C ILE A 75 11.00 -9.16 13.58
N THR A 76 10.99 -9.84 14.72
CA THR A 76 11.75 -11.06 14.89
C THR A 76 10.80 -12.22 15.17
N SER A 77 11.22 -13.42 14.79
CA SER A 77 10.31 -14.54 14.93
C SER A 77 10.02 -14.89 16.39
N ARG A 78 10.60 -14.14 17.34
CA ARG A 78 10.43 -14.42 18.76
C ARG A 78 9.23 -13.72 19.38
N THR A 79 8.66 -12.71 18.70
CA THR A 79 7.53 -11.96 19.23
C THR A 79 6.54 -11.78 18.09
N GLN A 80 5.41 -12.48 18.14
CA GLN A 80 4.41 -12.47 17.07
C GLN A 80 3.13 -11.79 17.54
N PHE A 81 2.49 -11.04 16.64
CA PHE A 81 1.29 -10.28 16.95
C PHE A 81 0.17 -10.61 15.95
N ASN A 82 -1.08 -10.66 16.44
CA ASN A 82 -2.18 -11.05 15.57
C ASN A 82 -2.58 -9.92 14.61
N SER A 83 -2.37 -8.66 14.99
CA SER A 83 -2.66 -7.51 14.14
C SER A 83 -1.45 -6.56 14.10
N LEU A 84 -1.51 -5.59 13.19
CA LEU A 84 -0.46 -4.57 13.15
C LEU A 84 -0.59 -3.56 14.27
N GLN A 85 -1.83 -3.26 14.68
CA GLN A 85 -2.02 -2.39 15.83
C GLN A 85 -1.54 -3.06 17.11
N GLN A 86 -1.66 -4.39 17.19
CA GLN A 86 -1.13 -5.07 18.37
C GLN A 86 0.39 -5.13 18.34
N LEU A 87 1.03 -4.95 17.19
CA LEU A 87 2.48 -4.81 17.16
C LEU A 87 2.92 -3.41 17.54
N VAL A 88 2.15 -2.41 17.13
CA VAL A 88 2.49 -1.03 17.47
C VAL A 88 2.32 -0.81 18.95
N ALA A 89 1.24 -1.35 19.53
CA ALA A 89 0.94 -1.11 20.94
C ALA A 89 1.97 -1.75 21.86
N TYR A 90 2.54 -2.88 21.46
CA TYR A 90 3.51 -3.54 22.31
C TYR A 90 4.82 -2.77 22.36
N TYR A 91 5.36 -2.44 21.18
CA TYR A 91 6.64 -1.75 21.09
C TYR A 91 6.55 -0.30 21.55
N SER A 92 5.35 0.24 21.66
CA SER A 92 5.23 1.56 22.25
C SER A 92 5.31 1.51 23.77
N LYS A 93 5.56 0.33 24.34
CA LYS A 93 5.70 0.10 25.78
C LYS A 93 6.99 -0.59 26.18
N HIS A 94 7.58 -1.37 25.29
CA HIS A 94 8.80 -2.10 25.58
C HIS A 94 9.68 -2.04 24.35
N ALA A 95 10.92 -1.58 24.53
CA ALA A 95 11.92 -1.64 23.47
C ALA A 95 12.08 -3.08 22.98
N ASP A 96 12.31 -4.00 23.92
CA ASP A 96 12.31 -5.43 23.64
C ASP A 96 13.16 -5.77 22.42
N GLY A 97 14.33 -5.12 22.31
CA GLY A 97 15.20 -5.29 21.17
C GLY A 97 15.27 -4.11 20.23
N LEU A 98 14.41 -3.11 20.40
CA LEU A 98 14.55 -1.84 19.70
C LEU A 98 15.54 -0.94 20.44
N CYS A 99 16.09 0.02 19.71
CA CYS A 99 16.99 0.95 20.37
C CYS A 99 16.24 1.82 21.38
N HIS A 100 14.95 2.04 21.17
CA HIS A 100 14.14 2.82 22.09
C HIS A 100 12.67 2.48 21.85
N ARG A 101 11.85 2.65 22.88
CA ARG A 101 10.43 2.37 22.74
C ARG A 101 9.71 3.48 21.97
N LEU A 102 8.64 3.09 21.27
CA LEU A 102 7.87 4.02 20.45
C LEU A 102 7.07 4.96 21.34
N THR A 103 7.25 6.28 21.16
CA THR A 103 6.68 7.28 22.05
C THR A 103 5.62 8.13 21.38
N THR A 104 5.90 8.66 20.18
CA THR A 104 5.01 9.60 19.54
C THR A 104 4.85 9.26 18.07
N VAL A 105 3.63 9.41 17.58
CA VAL A 105 3.33 9.23 16.16
C VAL A 105 3.94 10.38 15.37
N CYS A 106 4.57 10.05 14.23
CA CYS A 106 5.29 11.05 13.47
C CYS A 106 4.31 12.07 12.88
N PRO A 107 4.65 13.36 12.89
CA PRO A 107 3.73 14.33 12.32
C PRO A 107 3.84 14.34 10.82
N THR A 108 2.71 14.62 10.17
CA THR A 108 2.66 14.79 8.73
C THR A 108 3.32 16.10 8.31
N GLY B 1 -2.56 12.61 9.10
CA GLY B 1 -3.30 11.76 8.20
C GLY B 1 -2.71 10.37 8.05
N GLY B 2 -3.55 9.39 7.74
CA GLY B 2 -3.13 8.03 7.48
C GLY B 2 -3.32 7.58 6.04
N ALA B 3 -4.07 6.50 5.82
CA ALA B 3 -4.41 6.06 4.48
C ALA B 3 -5.67 5.19 4.52
N PRO B 4 -6.82 5.75 4.86
CA PRO B 4 -8.01 4.91 5.04
C PRO B 4 -8.49 4.26 3.77
N TRP B 5 -8.17 4.82 2.60
CA TRP B 5 -8.63 4.22 1.36
C TRP B 5 -8.02 2.84 1.16
N GLN B 6 -6.95 2.52 1.88
CA GLN B 6 -6.33 1.20 1.74
C GLN B 6 -7.15 0.09 2.39
N ALA B 7 -8.10 0.41 3.28
CA ALA B 7 -8.89 -0.61 3.94
C ALA B 7 -10.02 -1.15 3.08
N GLU B 8 -10.30 -0.52 1.96
CA GLU B 8 -11.44 -0.95 1.18
C GLU B 8 -11.10 -2.22 0.44
N GLU B 9 -12.14 -3.01 0.16
CA GLU B 9 -11.92 -4.39 -0.27
C GLU B 9 -11.39 -4.49 -1.69
N TRP B 10 -11.37 -3.40 -2.47
CA TRP B 10 -10.86 -3.49 -3.83
C TRP B 10 -9.38 -3.15 -3.94
N TYR B 11 -8.73 -2.75 -2.85
CA TYR B 11 -7.29 -2.49 -2.89
C TYR B 11 -6.56 -3.76 -2.47
N PHE B 12 -5.80 -4.32 -3.40
CA PHE B 12 -5.10 -5.58 -3.19
C PHE B 12 -3.61 -5.39 -2.97
N GLY B 13 -3.14 -4.15 -2.88
CA GLY B 13 -1.76 -3.89 -2.53
C GLY B 13 -0.77 -4.37 -3.57
N LYS B 14 0.32 -4.96 -3.07
CA LYS B 14 1.42 -5.46 -3.90
C LYS B 14 1.12 -6.89 -4.30
N ILE B 15 0.56 -7.07 -5.50
CA ILE B 15 0.35 -8.37 -6.12
C ILE B 15 0.89 -8.29 -7.53
N THR B 16 1.33 -9.43 -8.04
CA THR B 16 1.89 -9.46 -9.38
C THR B 16 0.80 -9.27 -10.43
N ARG B 17 1.25 -9.08 -11.67
CA ARG B 17 0.30 -9.04 -12.78
C ARG B 17 -0.34 -10.40 -13.01
N ARG B 18 0.37 -11.49 -12.71
CA ARG B 18 -0.17 -12.83 -12.91
C ARG B 18 -1.20 -13.19 -11.85
N GLU B 19 -0.87 -12.97 -10.57
CA GLU B 19 -1.81 -13.25 -9.49
C GLU B 19 -3.10 -12.45 -9.64
N SER B 20 -3.00 -11.16 -9.97
CA SER B 20 -4.19 -10.38 -10.31
C SER B 20 -5.02 -11.08 -11.39
N GLU B 21 -4.39 -11.41 -12.52
CA GLU B 21 -5.16 -11.93 -13.65
C GLU B 21 -5.86 -13.23 -13.31
N ARG B 22 -5.17 -14.15 -12.64
CA ARG B 22 -5.84 -15.40 -12.28
C ARG B 22 -6.91 -15.16 -11.22
N LEU B 23 -6.67 -14.25 -10.27
CA LEU B 23 -7.70 -13.93 -9.30
C LEU B 23 -8.92 -13.32 -9.98
N LEU B 24 -8.69 -12.55 -11.05
CA LEU B 24 -9.77 -11.87 -11.75
C LEU B 24 -10.41 -12.76 -12.81
N LEU B 25 -9.67 -13.72 -13.37
CA LEU B 25 -10.21 -14.56 -14.42
C LEU B 25 -10.95 -15.77 -13.88
N ASN B 26 -11.50 -15.64 -12.67
CA ASN B 26 -12.42 -16.63 -12.14
C ASN B 26 -13.74 -16.54 -12.90
N ALA B 27 -14.27 -17.71 -13.29
CA ALA B 27 -15.50 -17.72 -14.07
C ALA B 27 -16.73 -17.28 -13.28
N GLU B 28 -16.64 -17.23 -11.95
CA GLU B 28 -17.78 -16.85 -11.13
C GLU B 28 -17.90 -15.35 -10.94
N ASN B 29 -17.01 -14.55 -11.58
CA ASN B 29 -17.03 -13.09 -11.45
C ASN B 29 -17.78 -12.50 -12.61
N PRO B 30 -18.68 -11.56 -12.37
CA PRO B 30 -19.47 -10.97 -13.46
C PRO B 30 -18.61 -10.01 -14.27
N ARG B 31 -19.21 -9.49 -15.34
N ARG B 31 -19.20 -9.51 -15.35
CA ARG B 31 -18.54 -8.49 -16.16
CA ARG B 31 -18.55 -8.48 -16.16
C ARG B 31 -18.32 -7.23 -15.34
C ARG B 31 -18.31 -7.25 -15.30
N GLY B 32 -17.10 -6.70 -15.39
CA GLY B 32 -16.77 -5.53 -14.62
C GLY B 32 -16.19 -5.79 -13.24
N THR B 33 -15.68 -6.99 -13.00
CA THR B 33 -15.01 -7.24 -11.73
C THR B 33 -13.58 -6.71 -11.81
N PHE B 34 -13.14 -6.07 -10.73
CA PHE B 34 -11.97 -5.24 -10.79
C PHE B 34 -11.23 -5.29 -9.45
N LEU B 35 -10.02 -4.73 -9.47
CA LEU B 35 -9.23 -4.49 -8.28
C LEU B 35 -8.21 -3.42 -8.62
N VAL B 36 -7.72 -2.74 -7.59
CA VAL B 36 -6.63 -1.78 -7.73
C VAL B 36 -5.41 -2.36 -7.06
N ARG B 37 -4.30 -2.44 -7.78
CA ARG B 37 -3.10 -3.04 -7.24
C ARG B 37 -1.95 -2.06 -7.44
N GLU B 38 -0.81 -2.38 -6.82
CA GLU B 38 0.39 -1.63 -7.09
C GLU B 38 1.03 -2.16 -8.36
N GLY B 39 1.72 -1.29 -9.07
CA GLY B 39 2.38 -1.69 -10.30
C GLY B 39 3.64 -2.50 -10.02
N GLN B 40 4.00 -3.32 -11.00
CA GLN B 40 5.26 -4.05 -11.03
C GLN B 40 6.15 -3.59 -12.18
N SER B 41 5.68 -3.62 -13.43
CA SER B 41 6.44 -3.01 -14.53
C SER B 41 6.83 -1.56 -14.20
N GLN B 42 5.87 -0.75 -13.88
CA GLN B 42 6.04 0.68 -13.65
C GLN B 42 5.62 1.01 -12.22
N PRO B 43 5.94 2.23 -11.72
CA PRO B 43 5.65 2.53 -10.31
C PRO B 43 4.18 2.83 -10.01
N ASP B 44 3.43 3.32 -10.99
CA ASP B 44 2.09 3.84 -10.73
C ASP B 44 1.06 2.73 -10.45
N TYR B 45 -0.06 3.15 -9.85
CA TYR B 45 -1.14 2.23 -9.55
C TYR B 45 -1.70 1.63 -10.83
N VAL B 46 -2.37 0.50 -10.68
CA VAL B 46 -2.91 -0.26 -11.80
C VAL B 46 -4.36 -0.61 -11.52
N LEU B 47 -5.25 -0.32 -12.45
CA LEU B 47 -6.64 -0.77 -12.38
C LEU B 47 -6.77 -1.99 -13.28
N SER B 48 -7.07 -3.14 -12.68
CA SER B 48 -7.17 -4.39 -13.41
C SER B 48 -8.64 -4.80 -13.48
N VAL B 49 -9.17 -4.85 -14.69
CA VAL B 49 -10.60 -5.07 -14.89
C VAL B 49 -10.83 -6.32 -15.74
N SER B 50 -11.93 -7.00 -15.45
CA SER B 50 -12.34 -8.14 -16.25
C SER B 50 -13.18 -7.64 -17.42
N ASP B 51 -12.91 -8.18 -18.60
CA ASP B 51 -13.49 -7.70 -19.85
C ASP B 51 -13.79 -8.93 -20.69
N PHE B 52 -15.05 -9.07 -21.12
CA PHE B 52 -15.45 -10.14 -22.04
C PHE B 52 -15.67 -9.48 -23.39
N ASP B 53 -14.82 -9.81 -24.35
CA ASP B 53 -14.96 -9.30 -25.71
C ASP B 53 -15.59 -10.39 -26.57
N ASN B 54 -16.63 -10.02 -27.32
CA ASN B 54 -17.40 -11.03 -28.06
C ASN B 54 -16.56 -11.73 -29.11
N ALA B 55 -15.48 -11.12 -29.58
CA ALA B 55 -14.67 -11.71 -30.64
C ALA B 55 -13.35 -12.30 -30.15
N LYS B 56 -13.12 -12.34 -28.83
CA LYS B 56 -11.87 -12.84 -28.27
C LYS B 56 -12.11 -13.78 -27.10
N GLY B 57 -13.00 -13.38 -26.20
CA GLY B 57 -13.27 -14.11 -24.98
C GLY B 57 -13.13 -13.26 -23.73
N LEU B 58 -12.84 -13.91 -22.61
CA LEU B 58 -12.66 -13.23 -21.34
C LEU B 58 -11.17 -13.04 -21.09
N ASN B 59 -10.76 -11.79 -20.88
CA ASN B 59 -9.37 -11.44 -20.62
C ASN B 59 -9.34 -10.36 -19.55
N VAL B 60 -8.14 -9.96 -19.14
CA VAL B 60 -7.95 -8.93 -18.13
C VAL B 60 -7.33 -7.70 -18.78
N LYS B 61 -7.94 -6.55 -18.58
CA LYS B 61 -7.34 -5.29 -18.99
C LYS B 61 -6.70 -4.60 -17.79
N HIS B 62 -5.55 -3.98 -18.03
CA HIS B 62 -4.80 -3.29 -16.99
C HIS B 62 -4.65 -1.83 -17.38
N TYR B 63 -5.14 -0.95 -16.52
CA TYR B 63 -5.12 0.48 -16.76
C TYR B 63 -4.22 1.14 -15.72
N ILE B 64 -3.31 1.99 -16.21
CA ILE B 64 -2.34 2.71 -15.38
C ILE B 64 -3.00 3.96 -14.80
N ILE B 65 -2.97 4.07 -13.48
CA ILE B 65 -3.50 5.22 -12.76
C ILE B 65 -2.33 6.18 -12.50
N ARG B 66 -2.24 7.25 -13.27
CA ARG B 66 -1.15 8.20 -13.14
C ARG B 66 -1.42 9.14 -11.98
N LYS B 67 -0.35 9.54 -11.29
CA LYS B 67 -0.47 10.40 -10.12
C LYS B 67 -0.28 11.85 -10.57
N LEU B 68 -1.34 12.64 -10.51
CA LEU B 68 -1.24 14.07 -10.78
C LEU B 68 -0.38 14.70 -9.70
N ASP B 69 0.68 15.38 -10.11
CA ASP B 69 1.60 15.93 -9.11
C ASP B 69 0.90 16.98 -8.23
N SER B 70 0.06 17.81 -8.84
CA SER B 70 -0.84 18.72 -8.13
C SER B 70 -1.68 18.05 -7.03
N GLY B 72 -3.72 14.04 -6.94
CA GLY B 72 -4.70 13.85 -8.00
C GLY B 72 -4.40 12.59 -8.79
N PHE B 73 -5.44 11.90 -9.29
CA PHE B 73 -5.25 10.65 -10.02
C PHE B 73 -6.08 10.64 -11.30
N TYR B 74 -5.63 9.86 -12.28
CA TYR B 74 -6.35 9.72 -13.54
C TYR B 74 -5.75 8.57 -14.33
N ILE B 75 -6.58 7.96 -15.17
CA ILE B 75 -6.13 7.01 -16.16
C ILE B 75 -5.98 7.67 -17.52
N THR B 76 -6.94 8.53 -17.88
CA THR B 76 -6.83 9.45 -18.99
C THR B 76 -6.90 10.89 -18.48
N SER B 77 -6.22 11.80 -19.20
CA SER B 77 -6.11 13.19 -18.79
C SER B 77 -7.42 13.96 -18.90
N ARG B 78 -8.51 13.34 -19.34
CA ARG B 78 -9.78 14.04 -19.51
C ARG B 78 -10.63 14.01 -18.25
N THR B 79 -10.34 13.09 -17.33
CA THR B 79 -11.10 12.88 -16.10
C THR B 79 -10.07 12.73 -14.99
N GLN B 80 -10.05 13.68 -14.05
CA GLN B 80 -9.10 13.69 -12.93
C GLN B 80 -9.84 13.55 -11.61
N PHE B 81 -9.24 12.82 -10.67
CA PHE B 81 -9.85 12.60 -9.36
C PHE B 81 -8.88 12.97 -8.26
N ASN B 82 -9.40 13.56 -7.19
CA ASN B 82 -8.54 13.99 -6.10
C ASN B 82 -8.07 12.82 -5.25
N SER B 83 -8.88 11.76 -5.16
CA SER B 83 -8.53 10.58 -4.40
C SER B 83 -8.67 9.35 -5.27
N LEU B 84 -8.19 8.22 -4.76
CA LEU B 84 -8.41 6.95 -5.45
C LEU B 84 -9.83 6.45 -5.25
N GLN B 85 -10.45 6.77 -4.11
CA GLN B 85 -11.82 6.33 -3.86
C GLN B 85 -12.79 6.92 -4.86
N GLN B 86 -12.57 8.17 -5.26
CA GLN B 86 -13.48 8.76 -6.25
C GLN B 86 -13.20 8.29 -7.67
N LEU B 87 -12.03 7.75 -7.95
CA LEU B 87 -11.88 7.19 -9.29
C LEU B 87 -12.62 5.88 -9.38
N VAL B 88 -12.65 5.11 -8.29
CA VAL B 88 -13.40 3.86 -8.29
C VAL B 88 -14.89 4.16 -8.37
N ALA B 89 -15.34 5.20 -7.64
CA ALA B 89 -16.77 5.52 -7.59
C ALA B 89 -17.30 6.02 -8.94
N TYR B 90 -16.45 6.65 -9.75
CA TYR B 90 -16.90 7.19 -11.05
C TYR B 90 -16.97 6.08 -12.11
N TYR B 91 -15.87 5.37 -12.31
CA TYR B 91 -15.80 4.32 -13.35
C TYR B 91 -16.70 3.15 -12.96
N SER B 92 -17.31 3.24 -11.78
CA SER B 92 -18.28 2.21 -11.33
C SER B 92 -19.68 2.58 -11.82
N LYS B 93 -19.88 3.84 -12.23
CA LYS B 93 -21.20 4.32 -12.70
C LYS B 93 -21.10 4.62 -14.20
N HIS B 94 -19.89 4.88 -14.67
CA HIS B 94 -19.68 5.24 -16.09
C HIS B 94 -18.38 4.59 -16.57
N ALA B 95 -18.48 3.75 -17.60
CA ALA B 95 -17.27 3.15 -18.20
C ALA B 95 -16.43 4.28 -18.76
N ASP B 96 -17.10 5.28 -19.31
CA ASP B 96 -16.40 6.47 -19.85
C ASP B 96 -15.06 6.05 -20.46
N GLY B 97 -15.07 5.02 -21.32
CA GLY B 97 -13.84 4.59 -21.95
C GLY B 97 -13.31 3.28 -21.40
N LEU B 98 -13.85 2.76 -20.30
CA LEU B 98 -13.54 1.40 -19.89
C LEU B 98 -14.39 0.46 -20.73
N CYS B 99 -13.90 -0.76 -20.93
CA CYS B 99 -14.67 -1.68 -21.76
C CYS B 99 -16.00 -2.01 -21.12
N HIS B 100 -16.10 -1.87 -19.80
CA HIS B 100 -17.33 -2.03 -19.04
C HIS B 100 -17.15 -1.29 -17.74
N ARG B 101 -18.25 -0.87 -17.14
CA ARG B 101 -18.13 -0.18 -15.87
C ARG B 101 -17.83 -1.18 -14.75
N LEU B 102 -17.18 -0.67 -13.71
CA LEU B 102 -16.80 -1.50 -12.57
C LEU B 102 -18.04 -1.91 -11.80
N THR B 103 -18.23 -3.21 -11.59
CA THR B 103 -19.47 -3.72 -11.02
C THR B 103 -19.29 -4.34 -9.64
N THR B 104 -18.33 -5.25 -9.48
CA THR B 104 -18.14 -5.96 -8.23
C THR B 104 -16.68 -5.97 -7.87
N VAL B 105 -16.39 -5.80 -6.58
CA VAL B 105 -15.03 -5.87 -6.08
C VAL B 105 -14.53 -7.31 -6.17
N CYS B 106 -13.29 -7.49 -6.61
CA CYS B 106 -12.79 -8.83 -6.88
C CYS B 106 -12.73 -9.64 -5.58
N PRO B 107 -13.15 -10.90 -5.60
CA PRO B 107 -13.17 -11.71 -4.38
C PRO B 107 -11.83 -12.36 -4.07
N THR B 108 -11.58 -12.51 -2.76
CA THR B 108 -10.44 -13.28 -2.26
C THR B 108 -10.59 -13.57 -0.76
N GLU C 1 20.23 -4.16 -0.84
CA GLU C 1 21.01 -2.94 -1.05
C GLU C 1 20.72 -1.89 0.05
N PRO C 2 19.44 -1.61 0.36
CA PRO C 2 19.15 -0.78 1.52
C PRO C 2 19.35 -1.57 2.80
N GLN C 3 19.54 -0.85 3.90
CA GLN C 3 19.84 -1.53 5.16
C GLN C 3 18.65 -1.49 6.11
N PTR C 4 18.28 -2.67 6.61
CA PTR C 4 17.22 -2.82 7.61
C PTR C 4 17.83 -3.36 8.91
O PTR C 4 18.97 -3.83 8.91
CB PTR C 4 16.10 -3.75 7.11
CG PTR C 4 15.31 -3.24 5.91
CD1 PTR C 4 15.66 -3.63 4.61
CD2 PTR C 4 14.21 -2.41 6.07
CE1 PTR C 4 14.93 -3.20 3.51
CE2 PTR C 4 13.49 -1.98 4.97
CZ PTR C 4 13.86 -2.36 3.70
OH PTR C 4 13.18 -1.95 2.66
P PTR C 4 12.82 -0.40 2.41
O1P PTR C 4 11.26 -0.28 2.38
O2P PTR C 4 13.44 0.06 1.07
O3P PTR C 4 13.32 0.50 3.49
N GLU C 5 17.10 -3.30 10.02
CA GLU C 5 17.65 -3.76 11.30
C GLU C 5 16.97 -5.04 11.77
N GLU C 6 17.81 -6.00 12.17
CA GLU C 6 17.37 -7.31 12.63
C GLU C 6 17.41 -7.35 14.15
N ILE C 7 16.25 -7.53 14.79
CA ILE C 7 16.21 -7.66 16.24
C ILE C 7 16.62 -9.07 16.65
N GLU D 1 7.82 -4.84 -21.62
CA GLU D 1 7.25 -6.10 -22.08
C GLU D 1 5.74 -6.25 -21.75
N PRO D 2 5.28 -5.93 -20.54
CA PRO D 2 3.83 -5.96 -20.27
C PRO D 2 3.09 -4.82 -20.95
N GLN D 3 1.82 -5.07 -21.24
CA GLN D 3 0.98 -4.13 -22.00
C GLN D 3 -0.15 -3.49 -21.18
N PTR D 4 -0.26 -2.18 -21.28
CA PTR D 4 -1.34 -1.46 -20.63
C PTR D 4 -2.26 -0.80 -21.67
O PTR D 4 -1.84 -0.47 -22.78
CB PTR D 4 -0.79 -0.41 -19.67
CG PTR D 4 0.00 -0.99 -18.52
CD1 PTR D 4 -0.61 -1.36 -17.34
CD2 PTR D 4 1.37 -1.17 -18.63
CE1 PTR D 4 0.12 -1.88 -16.28
CE2 PTR D 4 2.11 -1.69 -17.59
CZ PTR D 4 1.48 -2.07 -16.42
OH PTR D 4 2.25 -2.52 -15.47
P PTR D 4 2.02 -3.82 -14.56
O1P PTR D 4 0.73 -4.45 -14.96
O2P PTR D 4 3.21 -4.79 -14.71
O3P PTR D 4 1.95 -3.34 -13.10
N GLU D 5 -3.52 -0.63 -21.30
CA GLU D 5 -4.50 -0.10 -22.21
C GLU D 5 -4.61 1.42 -22.09
N GLU D 6 -4.68 2.11 -23.23
CA GLU D 6 -4.80 3.57 -23.26
C GLU D 6 -6.28 3.87 -23.45
N ILE D 7 -6.89 4.43 -22.41
CA ILE D 7 -8.30 4.76 -22.44
C ILE D 7 -8.56 6.09 -23.19
ZN ZN E . 20.73 3.35 18.40
ZN ZN F . -13.11 -5.63 -24.41
ZN ZN G . -22.82 -5.34 -18.54
ZN ZN H . -3.41 7.96 -27.19
#